data_7B9T
#
_entry.id   7B9T
#
_cell.length_a   81.972
_cell.length_b   112.514
_cell.length_c   62.701
_cell.angle_alpha   90.000
_cell.angle_beta   90.000
_cell.angle_gamma   90.000
#
_symmetry.space_group_name_H-M   'C 2 2 21'
#
loop_
_entity.id
_entity.type
_entity.pdbx_description
1 polymer '14-3-3 protein sigma'
2 polymer 'Estrogen receptor'
3 non-polymer 'MAGNESIUM ION'
4 non-polymer 2-(4-chlorophenyl)sulfanyl-~{N}-(3-sulfanylpropyl)ethanamide
5 water water
#
loop_
_entity_poly.entity_id
_entity_poly.type
_entity_poly.pdbx_seq_one_letter_code
_entity_poly.pdbx_strand_id
1 'polypeptide(L)'
;GAMGSMERASLIQKAKLAEQAERYEDMAAFMKGAVEKGEELSNEERNLLCVAYKNVVGGQRAAWRVLSSIEQKSNEEGSE
EKGPEVREYREKVETELQGVCDTVLGLLDSHLIKEAGDAESRVFYLKMKGDYYRYLAEVATGDDKKRIIDSARSAYQEAM
DISKKEMPPTNPIRLGLALNFSVFHYEIANSPEEAISLAKTTFDEAMADLHTLSEDSYKDSTLIMQLLRDNLTLWT
;
A
2 'polypeptide(L)' AEGFPA(TPO)V B
#
# COMPACT_ATOMS: atom_id res chain seq x y z
N GLY A 1 -0.30 -24.46 6.33
CA GLY A 1 -0.97 -23.26 6.78
C GLY A 1 -2.21 -23.58 7.60
N ALA A 2 -2.41 -22.82 8.69
CA ALA A 2 -3.49 -23.08 9.62
C ALA A 2 -4.87 -22.94 8.98
N MET A 3 -4.98 -22.23 7.84
CA MET A 3 -6.23 -22.13 7.09
C MET A 3 -6.38 -23.23 6.04
N GLY A 4 -5.43 -24.16 5.95
CA GLY A 4 -5.47 -25.16 4.91
C GLY A 4 -6.70 -26.05 4.93
N SER A 5 -7.30 -26.27 6.11
CA SER A 5 -8.48 -27.13 6.20
C SER A 5 -9.78 -26.40 5.99
N MET A 6 -9.79 -25.07 5.88
CA MET A 6 -11.04 -24.34 5.74
C MET A 6 -11.35 -24.09 4.27
N GLU A 7 -12.61 -24.27 3.89
CA GLU A 7 -13.05 -23.99 2.52
C GLU A 7 -12.72 -22.55 2.13
N ARG A 8 -12.37 -22.38 0.84
CA ARG A 8 -12.16 -21.04 0.28
C ARG A 8 -13.35 -20.12 0.58
N ALA A 9 -14.57 -20.59 0.30
CA ALA A 9 -15.73 -19.71 0.46
C ALA A 9 -15.92 -19.32 1.92
N SER A 10 -15.63 -20.25 2.83
CA SER A 10 -15.71 -19.98 4.27
C SER A 10 -14.69 -18.96 4.71
N LEU A 11 -13.48 -19.04 4.14
CA LEU A 11 -12.47 -18.02 4.46
C LEU A 11 -12.92 -16.64 4.02
N ILE A 12 -13.49 -16.54 2.82
CA ILE A 12 -13.99 -15.25 2.34
C ILE A 12 -15.13 -14.75 3.20
N GLN A 13 -16.05 -15.65 3.55
CA GLN A 13 -17.16 -15.27 4.43
C GLN A 13 -16.64 -14.73 5.75
N LYS A 14 -15.67 -15.43 6.33
CA LYS A 14 -15.13 -14.99 7.62
C LYS A 14 -14.31 -13.72 7.48
N ALA A 15 -13.62 -13.52 6.37
CA ALA A 15 -12.95 -12.23 6.17
C ALA A 15 -13.92 -11.07 6.23
N LYS A 16 -15.10 -11.24 5.62
CA LYS A 16 -16.12 -10.20 5.67
C LYS A 16 -16.65 -9.99 7.07
N LEU A 17 -16.85 -11.07 7.83
CA LEU A 17 -17.24 -10.93 9.25
C LEU A 17 -16.16 -10.22 10.06
N ALA A 18 -14.90 -10.58 9.84
CA ALA A 18 -13.81 -9.95 10.55
C ALA A 18 -13.76 -8.46 10.24
N GLU A 19 -14.00 -8.08 8.98
CA GLU A 19 -14.06 -6.66 8.65
C GLU A 19 -15.16 -5.95 9.45
N GLN A 20 -16.37 -6.53 9.49
CA GLN A 20 -17.46 -5.93 10.25
C GLN A 20 -17.11 -5.78 11.72
N ALA A 21 -16.37 -6.74 12.27
CA ALA A 21 -15.94 -6.71 13.67
C ALA A 21 -14.67 -5.91 13.89
N GLU A 22 -14.09 -5.30 12.85
CA GLU A 22 -12.84 -4.56 12.96
C GLU A 22 -11.68 -5.42 13.49
N ARG A 23 -11.66 -6.68 13.07
CA ARG A 23 -10.65 -7.66 13.46
C ARG A 23 -9.73 -7.85 12.25
N TYR A 24 -8.86 -6.88 12.01
CA TYR A 24 -8.15 -6.86 10.73
C TYR A 24 -7.03 -7.87 10.66
N GLU A 25 -6.42 -8.23 11.79
CA GLU A 25 -5.46 -9.32 11.77
CA GLU A 25 -5.46 -9.32 11.77
C GLU A 25 -6.14 -10.62 11.37
N ASP A 26 -7.31 -10.92 11.96
CA ASP A 26 -8.03 -12.10 11.52
C ASP A 26 -8.37 -12.00 10.05
N MET A 27 -8.88 -10.84 9.62
CA MET A 27 -9.27 -10.66 8.22
C MET A 27 -8.10 -10.99 7.30
N ALA A 28 -6.92 -10.50 7.65
CA ALA A 28 -5.74 -10.74 6.82
C ALA A 28 -5.37 -12.22 6.80
N ALA A 29 -5.44 -12.89 7.95
CA ALA A 29 -5.15 -14.32 7.99
C ALA A 29 -6.14 -15.12 7.16
N PHE A 30 -7.42 -14.77 7.20
CA PHE A 30 -8.41 -15.45 6.37
C PHE A 30 -8.11 -15.23 4.89
N MET A 31 -7.78 -13.98 4.51
CA MET A 31 -7.52 -13.69 3.09
C MET A 31 -6.24 -14.34 2.62
N LYS A 32 -5.21 -14.40 3.47
CA LYS A 32 -4.01 -15.15 3.12
C LYS A 32 -4.35 -16.61 2.84
N GLY A 33 -5.14 -17.21 3.72
CA GLY A 33 -5.61 -18.57 3.48
C GLY A 33 -6.36 -18.71 2.16
N ALA A 34 -7.22 -17.74 1.83
CA ALA A 34 -7.95 -17.78 0.57
C ALA A 34 -6.99 -17.71 -0.61
N VAL A 35 -6.02 -16.79 -0.58
CA VAL A 35 -5.04 -16.71 -1.65
C VAL A 35 -4.31 -18.02 -1.81
N GLU A 36 -3.94 -18.64 -0.71
CA GLU A 36 -3.17 -19.87 -0.76
C GLU A 36 -3.96 -21.06 -1.27
N LYS A 37 -5.27 -20.92 -1.50
CA LYS A 37 -5.98 -21.97 -2.21
C LYS A 37 -5.53 -22.10 -3.66
N GLY A 38 -4.91 -21.06 -4.21
CA GLY A 38 -4.31 -21.16 -5.54
C GLY A 38 -5.17 -20.63 -6.65
N GLU A 39 -6.43 -20.35 -6.43
CA GLU A 39 -7.28 -19.76 -7.46
C GLU A 39 -7.06 -18.24 -7.52
N GLU A 40 -7.29 -17.67 -8.71
CA GLU A 40 -7.30 -16.21 -8.86
C GLU A 40 -8.39 -15.59 -7.99
N LEU A 41 -8.23 -14.32 -7.66
CA LEU A 41 -9.18 -13.57 -6.85
C LEU A 41 -10.05 -12.70 -7.74
N SER A 42 -11.32 -12.63 -7.39
CA SER A 42 -12.23 -11.69 -8.02
C SER A 42 -11.95 -10.27 -7.55
N ASN A 43 -12.61 -9.30 -8.20
CA ASN A 43 -12.46 -7.91 -7.79
C ASN A 43 -12.76 -7.72 -6.31
N GLU A 44 -13.88 -8.25 -5.84
CA GLU A 44 -14.25 -8.09 -4.44
C GLU A 44 -13.24 -8.76 -3.52
N GLU A 45 -12.74 -9.94 -3.92
CA GLU A 45 -11.76 -10.64 -3.08
C GLU A 45 -10.43 -9.90 -3.04
N ARG A 46 -10.00 -9.30 -4.17
CA ARG A 46 -8.80 -8.46 -4.15
C ARG A 46 -8.97 -7.30 -3.19
N ASN A 47 -10.16 -6.69 -3.17
CA ASN A 47 -10.40 -5.58 -2.25
C ASN A 47 -10.33 -6.02 -0.81
N LEU A 48 -10.88 -7.20 -0.48
CA LEU A 48 -10.79 -7.70 0.89
C LEU A 48 -9.34 -7.92 1.30
N LEU A 49 -8.53 -8.52 0.43
CA LEU A 49 -7.11 -8.73 0.72
C LEU A 49 -6.45 -7.40 1.01
N CYS A 50 -6.69 -6.41 0.14
CA CYS A 50 -6.09 -5.10 0.29
C CYS A 50 -6.50 -4.42 1.58
N VAL A 51 -7.79 -4.43 1.89
CA VAL A 51 -8.29 -3.75 3.09
C VAL A 51 -7.67 -4.37 4.33
N ALA A 52 -7.61 -5.70 4.37
CA ALA A 52 -7.11 -6.37 5.56
C ALA A 52 -5.66 -5.96 5.85
N TYR A 53 -4.78 -6.11 4.86
CA TYR A 53 -3.38 -5.82 5.09
C TYR A 53 -3.13 -4.34 5.24
N LYS A 54 -3.89 -3.49 4.53
CA LYS A 54 -3.74 -2.04 4.69
C LYS A 54 -3.98 -1.64 6.13
N ASN A 55 -4.99 -2.19 6.77
CA ASN A 55 -5.28 -1.86 8.15
C ASN A 55 -4.26 -2.44 9.10
N VAL A 56 -3.79 -3.67 8.87
CA VAL A 56 -2.77 -4.23 9.76
C VAL A 56 -1.49 -3.41 9.67
N VAL A 57 -0.98 -3.20 8.45
CA VAL A 57 0.29 -2.52 8.33
C VAL A 57 0.16 -1.05 8.67
N GLY A 58 -1.02 -0.46 8.46
CA GLY A 58 -1.21 0.93 8.84
C GLY A 58 -1.11 1.13 10.34
N GLY A 59 -1.63 0.18 11.12
CA GLY A 59 -1.45 0.26 12.56
C GLY A 59 0.00 0.10 12.97
N GLN A 60 0.72 -0.81 12.31
CA GLN A 60 2.14 -1.00 12.63
C GLN A 60 2.94 0.24 12.29
N ARG A 61 2.69 0.84 11.12
CA ARG A 61 3.40 2.05 10.72
C ARG A 61 3.14 3.18 11.71
N ALA A 62 1.90 3.34 12.15
CA ALA A 62 1.62 4.40 13.10
C ALA A 62 2.38 4.18 14.39
N ALA A 63 2.44 2.92 14.85
CA ALA A 63 3.16 2.62 16.10
C ALA A 63 4.64 2.82 15.92
N TRP A 64 5.18 2.41 14.76
CA TRP A 64 6.60 2.60 14.47
C TRP A 64 6.96 4.08 14.49
N ARG A 65 6.09 4.93 13.92
CA ARG A 65 6.40 6.35 13.92
CA ARG A 65 6.36 6.37 13.92
C ARG A 65 6.41 6.93 15.32
N VAL A 66 5.48 6.49 16.19
CA VAL A 66 5.49 6.98 17.57
C VAL A 66 6.81 6.60 18.24
N LEU A 67 7.21 5.34 18.10
CA LEU A 67 8.41 4.86 18.75
C LEU A 67 9.66 5.51 18.18
N SER A 68 9.71 5.69 16.85
CA SER A 68 10.87 6.33 16.22
C SER A 68 11.02 7.77 16.68
N SER A 69 9.91 8.48 16.86
CA SER A 69 9.99 9.84 17.37
C SER A 69 10.53 9.88 18.79
N ILE A 70 10.09 8.95 19.65
CA ILE A 70 10.63 8.88 21.01
C ILE A 70 12.11 8.57 20.97
N GLU A 71 12.50 7.64 20.10
CA GLU A 71 13.91 7.27 19.97
C GLU A 71 14.73 8.45 19.47
N GLN A 72 14.20 9.22 18.52
CA GLN A 72 14.93 10.39 18.04
C GLN A 72 15.14 11.41 19.15
N LYS A 73 14.11 11.66 19.95
CA LYS A 73 14.22 12.60 21.07
C LYS A 73 15.23 12.13 22.09
N SER A 74 15.27 10.82 22.35
CA SER A 74 16.21 10.27 23.32
C SER A 74 17.66 10.51 22.90
N ASN A 75 17.91 10.70 21.61
CA ASN A 75 19.26 10.87 21.10
C ASN A 75 19.65 12.33 20.94
N GLU A 76 18.84 13.26 21.42
CA GLU A 76 19.15 14.69 21.33
C GLU A 76 19.99 15.13 22.52
N GLU A 77 20.67 16.27 22.35
CA GLU A 77 21.55 16.78 23.40
C GLU A 77 20.77 17.06 24.67
N GLY A 78 21.35 16.68 25.80
CA GLY A 78 20.73 16.91 27.10
C GLY A 78 19.73 15.87 27.54
N SER A 79 19.48 14.84 26.72
CA SER A 79 18.51 13.82 27.08
C SER A 79 19.17 12.78 27.96
N GLU A 80 18.50 12.39 29.03
CA GLU A 80 19.05 11.38 29.93
C GLU A 80 19.09 10.04 29.24
N GLU A 81 20.16 9.29 29.48
CA GLU A 81 20.27 7.92 28.98
CA GLU A 81 20.25 7.94 28.97
C GLU A 81 19.22 7.06 29.66
N LYS A 82 18.40 6.39 28.86
CA LYS A 82 17.34 5.54 29.40
C LYS A 82 17.55 4.06 29.10
N GLY A 83 18.68 3.68 28.52
CA GLY A 83 18.95 2.29 28.22
C GLY A 83 18.50 1.89 26.82
N PRO A 84 18.61 0.61 26.50
CA PRO A 84 18.34 0.11 25.15
C PRO A 84 16.87 -0.10 24.86
N GLU A 85 15.96 0.13 25.83
CA GLU A 85 14.58 -0.34 25.68
C GLU A 85 13.84 0.32 24.52
N VAL A 86 13.98 1.63 24.32
CA VAL A 86 13.26 2.29 23.22
C VAL A 86 13.68 1.70 21.89
N ARG A 87 14.98 1.60 21.66
CA ARG A 87 15.48 1.01 20.42
C ARG A 87 14.99 -0.42 20.29
N GLU A 88 15.05 -1.22 21.37
CA GLU A 88 14.61 -2.60 21.28
C GLU A 88 13.15 -2.70 20.89
N TYR A 89 12.32 -1.90 21.51
CA TYR A 89 10.90 -2.01 21.22
C TYR A 89 10.55 -1.47 19.83
N ARG A 90 11.20 -0.39 19.40
CA ARG A 90 11.05 0.08 18.02
C ARG A 90 11.47 -1.02 17.05
N GLU A 91 12.57 -1.72 17.35
CA GLU A 91 13.03 -2.81 16.50
CA GLU A 91 13.02 -2.82 16.50
C GLU A 91 12.01 -3.95 16.49
N LYS A 92 11.40 -4.26 17.63
CA LYS A 92 10.38 -5.30 17.67
C LYS A 92 9.23 -4.97 16.74
N VAL A 93 8.68 -3.76 16.87
CA VAL A 93 7.58 -3.36 16.00
C VAL A 93 8.02 -3.34 14.53
N GLU A 94 9.22 -2.84 14.27
CA GLU A 94 9.77 -2.79 12.92
C GLU A 94 9.86 -4.20 12.32
N THR A 95 10.32 -5.18 13.12
CA THR A 95 10.48 -6.51 12.58
C THR A 95 9.12 -7.12 12.26
N GLU A 96 8.13 -6.87 13.10
CA GLU A 96 6.78 -7.35 12.83
CA GLU A 96 6.79 -7.37 12.81
C GLU A 96 6.23 -6.73 11.57
N LEU A 97 6.44 -5.43 11.40
CA LEU A 97 6.00 -4.73 10.21
C LEU A 97 6.65 -5.31 8.96
N GLN A 98 7.96 -5.51 9.01
CA GLN A 98 8.67 -6.10 7.88
C GLN A 98 8.14 -7.48 7.58
N GLY A 99 7.79 -8.24 8.63
CA GLY A 99 7.21 -9.55 8.40
C GLY A 99 5.90 -9.50 7.65
N VAL A 100 5.03 -8.58 8.01
CA VAL A 100 3.77 -8.41 7.30
C VAL A 100 4.04 -8.02 5.83
N CYS A 101 4.93 -7.06 5.60
CA CYS A 101 5.24 -6.68 4.22
C CYS A 101 5.77 -7.86 3.45
N ASP A 102 6.67 -8.63 4.05
CA ASP A 102 7.21 -9.80 3.36
C ASP A 102 6.13 -10.82 3.06
N THR A 103 5.16 -10.98 3.96
CA THR A 103 4.05 -11.90 3.69
C THR A 103 3.25 -11.43 2.48
N VAL A 104 2.90 -10.14 2.44
CA VAL A 104 2.12 -9.65 1.32
C VAL A 104 2.90 -9.79 0.03
N LEU A 105 4.16 -9.40 0.04
CA LEU A 105 4.97 -9.50 -1.16
C LEU A 105 5.10 -10.96 -1.57
N GLY A 106 5.17 -11.86 -0.59
CA GLY A 106 5.23 -13.28 -0.93
C GLY A 106 3.96 -13.78 -1.61
N LEU A 107 2.80 -13.35 -1.15
CA LEU A 107 1.56 -13.74 -1.82
C LEU A 107 1.51 -13.19 -3.24
N LEU A 108 1.97 -11.95 -3.43
CA LEU A 108 1.97 -11.36 -4.77
C LEU A 108 2.90 -12.14 -5.68
N ASP A 109 4.06 -12.56 -5.19
CA ASP A 109 5.02 -13.28 -6.00
CA ASP A 109 5.03 -13.29 -5.99
C ASP A 109 4.69 -14.77 -6.17
N SER A 110 3.86 -15.32 -5.32
CA SER A 110 3.53 -16.75 -5.32
C SER A 110 2.03 -16.92 -5.05
N HIS A 111 1.17 -16.72 -6.06
CA HIS A 111 1.51 -16.50 -7.48
C HIS A 111 0.55 -15.50 -8.09
N LEU A 112 0.12 -14.49 -7.30
CA LEU A 112 -0.97 -13.63 -7.78
C LEU A 112 -0.58 -12.85 -9.03
N ILE A 113 0.60 -12.21 -9.04
CA ILE A 113 0.95 -11.37 -10.17
C ILE A 113 1.07 -12.19 -11.44
N LYS A 114 1.75 -13.33 -11.39
CA LYS A 114 2.01 -14.02 -12.64
C LYS A 114 0.75 -14.55 -13.28
N GLU A 115 -0.30 -14.80 -12.53
CA GLU A 115 -1.55 -15.25 -13.14
C GLU A 115 -2.51 -14.11 -13.49
N ALA A 116 -2.15 -12.85 -13.18
CA ALA A 116 -3.03 -11.69 -13.40
C ALA A 116 -2.80 -11.13 -14.78
N GLY A 117 -3.78 -11.36 -15.64
CA GLY A 117 -3.70 -10.93 -17.04
C GLY A 117 -4.54 -9.71 -17.38
N ASP A 118 -5.66 -9.51 -16.69
CA ASP A 118 -6.48 -8.34 -17.01
C ASP A 118 -5.87 -7.12 -16.34
N ALA A 119 -6.04 -5.94 -16.96
CA ALA A 119 -5.45 -4.73 -16.38
C ALA A 119 -5.93 -4.47 -14.96
N GLU A 120 -7.19 -4.72 -14.66
CA GLU A 120 -7.72 -4.38 -13.35
CA GLU A 120 -7.72 -4.39 -13.34
C GLU A 120 -7.07 -5.22 -12.25
N SER A 121 -6.73 -6.47 -12.55
CA SER A 121 -6.06 -7.26 -11.53
C SER A 121 -4.56 -6.99 -11.52
N ARG A 122 -3.94 -6.95 -12.69
CA ARG A 122 -2.50 -6.79 -12.74
C ARG A 122 -2.04 -5.45 -12.18
N VAL A 123 -2.70 -4.36 -12.58
CA VAL A 123 -2.36 -3.05 -12.03
C VAL A 123 -2.55 -3.03 -10.51
N PHE A 124 -3.68 -3.58 -10.04
CA PHE A 124 -3.94 -3.63 -8.59
CA PHE A 124 -3.95 -3.64 -8.59
C PHE A 124 -2.81 -4.33 -7.85
N TYR A 125 -2.37 -5.49 -8.36
CA TYR A 125 -1.35 -6.25 -7.64
C TYR A 125 0.01 -5.55 -7.71
N LEU A 126 0.36 -4.98 -8.86
CA LEU A 126 1.64 -4.26 -8.99
C LEU A 126 1.65 -3.00 -8.13
N LYS A 127 0.52 -2.31 -8.02
CA LYS A 127 0.40 -1.20 -7.09
C LYS A 127 0.66 -1.67 -5.66
N MET A 128 0.04 -2.80 -5.27
CA MET A 128 0.26 -3.35 -3.95
CA MET A 128 0.25 -3.34 -3.94
C MET A 128 1.73 -3.67 -3.72
N LYS A 129 2.38 -4.25 -4.73
CA LYS A 129 3.80 -4.54 -4.62
C LYS A 129 4.61 -3.27 -4.37
N GLY A 130 4.30 -2.21 -5.13
CA GLY A 130 4.94 -0.93 -4.88
C GLY A 130 4.71 -0.42 -3.47
N ASP A 131 3.46 -0.52 -3.01
CA ASP A 131 3.07 -0.03 -1.69
C ASP A 131 3.86 -0.75 -0.59
N TYR A 132 3.96 -2.09 -0.67
CA TYR A 132 4.59 -2.83 0.44
C TYR A 132 6.10 -2.69 0.39
N TYR A 133 6.70 -2.53 -0.80
CA TYR A 133 8.12 -2.13 -0.83
C TYR A 133 8.29 -0.71 -0.30
N ARG A 134 7.32 0.18 -0.52
CA ARG A 134 7.40 1.52 0.05
C ARG A 134 7.38 1.46 1.57
N TYR A 135 6.51 0.63 2.16
CA TYR A 135 6.51 0.50 3.62
C TYR A 135 7.83 -0.07 4.13
N LEU A 136 8.43 -1.03 3.41
CA LEU A 136 9.75 -1.49 3.79
C LEU A 136 10.76 -0.35 3.68
N ALA A 137 10.65 0.51 2.65
CA ALA A 137 11.58 1.63 2.50
C ALA A 137 11.46 2.63 3.63
N GLU A 138 10.26 2.80 4.17
CA GLU A 138 10.07 3.78 5.22
C GLU A 138 10.93 3.46 6.43
N VAL A 139 11.21 2.18 6.70
CA VAL A 139 11.96 1.76 7.88
C VAL A 139 13.35 1.32 7.55
N ALA A 140 13.74 1.36 6.28
CA ALA A 140 15.03 0.86 5.84
C ALA A 140 16.13 1.86 6.14
N THR A 141 17.27 1.33 6.60
CA THR A 141 18.49 2.09 6.87
C THR A 141 19.76 1.37 6.44
N GLY A 142 19.68 0.15 5.88
CA GLY A 142 20.85 -0.67 5.61
C GLY A 142 21.39 -0.55 4.19
N ASP A 143 22.33 -1.45 3.88
CA ASP A 143 22.98 -1.52 2.56
CA ASP A 143 22.94 -1.35 2.55
C ASP A 143 21.99 -1.76 1.43
N ASP A 144 20.84 -2.36 1.73
CA ASP A 144 19.87 -2.70 0.69
C ASP A 144 18.80 -1.64 0.49
N LYS A 145 18.89 -0.49 1.17
CA LYS A 145 17.84 0.51 1.12
C LYS A 145 17.60 1.04 -0.30
N LYS A 146 18.67 1.31 -1.05
CA LYS A 146 18.48 1.74 -2.42
C LYS A 146 17.77 0.69 -3.25
N ARG A 147 18.09 -0.59 -3.04
CA ARG A 147 17.43 -1.63 -3.80
C ARG A 147 15.96 -1.74 -3.39
N ILE A 148 15.64 -1.52 -2.12
CA ILE A 148 14.24 -1.57 -1.69
C ILE A 148 13.45 -0.45 -2.35
N ILE A 149 14.02 0.76 -2.35
CA ILE A 149 13.40 1.89 -3.02
C ILE A 149 13.23 1.60 -4.50
N ASP A 150 14.24 1.02 -5.13
CA ASP A 150 14.11 0.76 -6.55
C ASP A 150 13.10 -0.34 -6.84
N SER A 151 12.93 -1.31 -5.94
CA SER A 151 11.89 -2.32 -6.12
C SER A 151 10.51 -1.68 -6.07
N ALA A 152 10.28 -0.76 -5.13
CA ALA A 152 9.01 -0.03 -5.11
C ALA A 152 8.80 0.71 -6.42
N ARG A 153 9.81 1.49 -6.82
CA ARG A 153 9.72 2.28 -8.06
C ARG A 153 9.38 1.39 -9.23
N SER A 154 10.08 0.25 -9.36
CA SER A 154 9.90 -0.60 -10.52
C SER A 154 8.48 -1.16 -10.60
N ALA A 155 7.96 -1.58 -9.45
CA ALA A 155 6.59 -2.11 -9.43
C ALA A 155 5.58 -1.02 -9.80
N TYR A 156 5.71 0.15 -9.16
CA TYR A 156 4.83 1.27 -9.51
C TYR A 156 4.92 1.61 -10.99
N GLN A 157 6.15 1.58 -11.54
CA GLN A 157 6.31 2.01 -12.93
C GLN A 157 5.65 1.03 -13.88
N GLU A 158 5.81 -0.28 -13.61
CA GLU A 158 5.12 -1.27 -14.44
C GLU A 158 3.60 -1.10 -14.36
N ALA A 159 3.08 -0.86 -13.16
CA ALA A 159 1.65 -0.64 -13.00
C ALA A 159 1.21 0.61 -13.77
N MET A 160 2.01 1.67 -13.69
CA MET A 160 1.68 2.92 -14.38
CA MET A 160 1.68 2.92 -14.39
C MET A 160 1.63 2.69 -15.88
N ASP A 161 2.64 1.98 -16.42
CA ASP A 161 2.66 1.76 -17.85
C ASP A 161 1.41 1.02 -18.32
N ILE A 162 1.01 -0.03 -17.61
CA ILE A 162 -0.17 -0.77 -17.97
C ILE A 162 -1.41 0.10 -17.84
N SER A 163 -1.51 0.83 -16.73
CA SER A 163 -2.72 1.60 -16.48
C SER A 163 -2.93 2.67 -17.53
N LYS A 164 -1.84 3.26 -18.02
CA LYS A 164 -2.00 4.31 -19.01
C LYS A 164 -2.42 3.74 -20.36
N LYS A 165 -1.98 2.54 -20.69
CA LYS A 165 -2.35 1.89 -21.93
C LYS A 165 -3.75 1.31 -21.89
N GLU A 166 -4.18 0.78 -20.73
CA GLU A 166 -5.33 -0.10 -20.70
C GLU A 166 -6.52 0.40 -19.93
N MET A 167 -6.42 1.50 -19.18
CA MET A 167 -7.51 1.98 -18.36
C MET A 167 -7.81 3.43 -18.73
N PRO A 168 -9.05 3.86 -18.54
CA PRO A 168 -9.36 5.29 -18.72
C PRO A 168 -8.77 6.10 -17.59
N PRO A 169 -8.54 7.39 -17.82
CA PRO A 169 -7.88 8.22 -16.80
C PRO A 169 -8.69 8.40 -15.54
N THR A 170 -9.98 8.06 -15.53
CA THR A 170 -10.80 8.12 -14.33
C THR A 170 -10.86 6.80 -13.58
N ASN A 171 -10.29 5.71 -14.10
CA ASN A 171 -10.39 4.44 -13.41
CA ASN A 171 -10.39 4.44 -13.41
C ASN A 171 -9.87 4.57 -11.97
N PRO A 172 -10.65 4.16 -10.95
CA PRO A 172 -10.18 4.37 -9.57
C PRO A 172 -8.86 3.69 -9.23
N ILE A 173 -8.59 2.52 -9.82
CA ILE A 173 -7.31 1.87 -9.56
C ILE A 173 -6.18 2.69 -10.14
N ARG A 174 -6.35 3.16 -11.39
CA ARG A 174 -5.35 4.04 -12.01
C ARG A 174 -5.12 5.27 -11.16
N LEU A 175 -6.20 5.87 -10.64
CA LEU A 175 -6.06 7.07 -9.83
C LEU A 175 -5.34 6.77 -8.53
N GLY A 176 -5.72 5.69 -7.85
CA GLY A 176 -5.08 5.37 -6.57
C GLY A 176 -3.62 5.00 -6.74
N LEU A 177 -3.30 4.31 -7.81
CA LEU A 177 -1.90 4.05 -8.15
C LEU A 177 -1.11 5.35 -8.31
N ALA A 178 -1.65 6.30 -9.08
CA ALA A 178 -0.97 7.59 -9.28
C ALA A 178 -0.82 8.34 -7.98
N LEU A 179 -1.87 8.33 -7.16
CA LEU A 179 -1.82 8.97 -5.84
C LEU A 179 -0.64 8.43 -5.05
N ASN A 180 -0.54 7.09 -4.99
CA ASN A 180 0.47 6.47 -4.13
C ASN A 180 1.86 6.59 -4.72
N PHE A 181 1.99 6.50 -6.05
CA PHE A 181 3.32 6.68 -6.67
C PHE A 181 3.79 8.10 -6.49
N SER A 182 2.86 9.06 -6.55
CA SER A 182 3.20 10.45 -6.25
C SER A 182 3.72 10.59 -4.82
N VAL A 183 3.05 9.95 -3.86
CA VAL A 183 3.55 9.95 -2.48
C VAL A 183 4.93 9.29 -2.39
N PHE A 184 5.13 8.16 -3.07
CA PHE A 184 6.46 7.56 -3.17
C PHE A 184 7.49 8.60 -3.59
N HIS A 185 7.22 9.36 -4.67
CA HIS A 185 8.17 10.36 -5.13
C HIS A 185 8.46 11.38 -4.04
N TYR A 186 7.43 11.84 -3.35
CA TYR A 186 7.58 12.93 -2.40
C TYR A 186 8.28 12.47 -1.13
N GLU A 187 7.87 11.33 -0.58
CA GLU A 187 8.29 10.93 0.75
CA GLU A 187 8.25 10.87 0.75
C GLU A 187 9.45 9.94 0.74
N ILE A 188 9.65 9.18 -0.33
CA ILE A 188 10.66 8.13 -0.38
C ILE A 188 11.81 8.50 -1.29
N ALA A 189 11.49 9.00 -2.49
CA ALA A 189 12.52 9.19 -3.51
C ALA A 189 13.07 10.61 -3.53
N ASN A 190 12.72 11.45 -2.59
CA ASN A 190 13.28 12.81 -2.55
C ASN A 190 13.02 13.57 -3.84
N SER A 191 11.83 13.38 -4.43
CA SER A 191 11.47 13.94 -5.73
C SER A 191 10.15 14.67 -5.62
N PRO A 192 10.09 15.76 -4.85
CA PRO A 192 8.81 16.46 -4.70
C PRO A 192 8.29 17.02 -6.01
N GLU A 193 9.17 17.49 -6.92
CA GLU A 193 8.66 18.03 -8.19
C GLU A 193 7.97 16.96 -9.01
N GLU A 194 8.54 15.75 -9.05
CA GLU A 194 7.88 14.65 -9.75
C GLU A 194 6.55 14.30 -9.08
N ALA A 195 6.53 14.29 -7.76
CA ALA A 195 5.29 14.00 -7.02
C ALA A 195 4.20 14.98 -7.41
N ILE A 196 4.54 16.27 -7.43
CA ILE A 196 3.57 17.32 -7.74
C ILE A 196 3.12 17.22 -9.20
N SER A 197 4.06 17.03 -10.12
CA SER A 197 3.69 16.94 -11.52
C SER A 197 2.78 15.74 -11.76
N LEU A 198 3.09 14.60 -11.14
CA LEU A 198 2.25 13.42 -11.34
C LEU A 198 0.85 13.65 -10.78
N ALA A 199 0.74 14.20 -9.59
CA ALA A 199 -0.59 14.42 -9.04
C ALA A 199 -1.40 15.39 -9.88
N LYS A 200 -0.78 16.48 -10.34
CA LYS A 200 -1.48 17.47 -11.17
C LYS A 200 -1.95 16.88 -12.49
N THR A 201 -1.04 16.24 -13.21
CA THR A 201 -1.40 15.69 -14.51
C THR A 201 -2.47 14.62 -14.36
N THR A 202 -2.37 13.77 -13.33
CA THR A 202 -3.39 12.76 -13.10
C THR A 202 -4.74 13.41 -12.85
N PHE A 203 -4.76 14.42 -11.98
CA PHE A 203 -6.03 15.09 -11.66
C PHE A 203 -6.64 15.70 -12.92
N ASP A 204 -5.83 16.39 -13.72
CA ASP A 204 -6.34 17.10 -14.88
C ASP A 204 -6.86 16.15 -15.96
N GLU A 205 -6.16 15.04 -16.17
CA GLU A 205 -6.62 14.08 -17.15
C GLU A 205 -7.89 13.37 -16.71
N ALA A 206 -8.03 13.14 -15.39
CA ALA A 206 -9.27 12.57 -14.89
C ALA A 206 -10.43 13.55 -15.05
N MET A 207 -10.21 14.81 -14.69
CA MET A 207 -11.25 15.82 -14.84
CA MET A 207 -11.22 15.86 -14.86
C MET A 207 -11.82 15.83 -16.25
N ALA A 208 -10.97 15.74 -17.24
CA ALA A 208 -11.39 15.81 -18.64
C ALA A 208 -12.18 14.60 -19.08
N ASP A 209 -12.15 13.48 -18.33
CA ASP A 209 -12.84 12.26 -18.68
C ASP A 209 -14.11 12.05 -17.84
N LEU A 210 -14.37 12.92 -16.85
CA LEU A 210 -15.53 12.69 -15.99
C LEU A 210 -16.83 12.70 -16.78
N HIS A 211 -16.87 13.43 -17.90
CA HIS A 211 -18.12 13.59 -18.65
C HIS A 211 -18.62 12.27 -19.22
N THR A 212 -17.77 11.25 -19.28
CA THR A 212 -18.12 9.96 -19.85
C THR A 212 -18.79 9.04 -18.85
N LEU A 213 -18.87 9.42 -17.59
CA LEU A 213 -19.18 8.51 -16.50
C LEU A 213 -20.63 8.61 -16.05
N SER A 214 -21.13 7.49 -15.53
CA SER A 214 -22.38 7.51 -14.80
C SER A 214 -22.22 8.24 -13.48
N GLU A 215 -23.34 8.51 -12.82
CA GLU A 215 -23.30 9.17 -11.52
C GLU A 215 -22.48 8.37 -10.51
N ASP A 216 -22.64 7.05 -10.50
CA ASP A 216 -21.93 6.25 -9.50
C ASP A 216 -20.44 6.20 -9.80
N SER A 217 -20.06 6.05 -11.07
CA SER A 217 -18.64 6.05 -11.41
C SER A 217 -18.02 7.41 -11.12
N TYR A 218 -18.76 8.49 -11.41
CA TYR A 218 -18.29 9.83 -11.09
C TYR A 218 -17.97 9.96 -9.61
N LYS A 219 -18.87 9.48 -8.75
CA LYS A 219 -18.59 9.50 -7.32
C LYS A 219 -17.30 8.77 -6.97
N ASP A 220 -17.11 7.58 -7.52
CA ASP A 220 -15.92 6.80 -7.23
C ASP A 220 -14.67 7.56 -7.66
N SER A 221 -14.68 8.13 -8.88
CA SER A 221 -13.47 8.77 -9.39
C SER A 221 -13.19 10.07 -8.66
N THR A 222 -14.23 10.87 -8.39
CA THR A 222 -13.98 12.16 -7.77
C THR A 222 -13.50 12.01 -6.34
N LEU A 223 -13.89 10.93 -5.66
CA LEU A 223 -13.36 10.69 -4.31
C LEU A 223 -11.84 10.63 -4.32
N ILE A 224 -11.26 9.90 -5.26
CA ILE A 224 -9.80 9.78 -5.31
C ILE A 224 -9.18 11.03 -5.88
N MET A 225 -9.85 11.71 -6.82
CA MET A 225 -9.34 13.00 -7.30
C MET A 225 -9.18 13.97 -6.15
N GLN A 226 -10.14 13.96 -5.21
CA GLN A 226 -10.01 14.88 -4.08
C GLN A 226 -8.76 14.61 -3.24
N LEU A 227 -8.37 13.34 -3.11
CA LEU A 227 -7.12 13.00 -2.41
C LEU A 227 -5.92 13.57 -3.13
N LEU A 228 -5.91 13.51 -4.47
CA LEU A 228 -4.83 14.12 -5.24
C LEU A 228 -4.77 15.61 -4.96
N ARG A 229 -5.94 16.27 -4.98
CA ARG A 229 -6.00 17.70 -4.66
C ARG A 229 -5.53 17.98 -3.24
N ASP A 230 -5.92 17.13 -2.29
CA ASP A 230 -5.49 17.34 -0.91
C ASP A 230 -3.97 17.30 -0.82
N ASN A 231 -3.34 16.33 -1.50
CA ASN A 231 -1.88 16.27 -1.46
C ASN A 231 -1.26 17.49 -2.13
N LEU A 232 -1.80 17.91 -3.26
CA LEU A 232 -1.27 19.10 -3.91
C LEU A 232 -1.36 20.30 -3.01
N THR A 233 -2.47 20.43 -2.29
CA THR A 233 -2.60 21.56 -1.36
C THR A 233 -1.56 21.48 -0.24
N LEU A 234 -1.33 20.28 0.28
CA LEU A 234 -0.28 20.08 1.27
C LEU A 234 1.10 20.49 0.76
N TRP A 235 1.38 20.26 -0.53
CA TRP A 235 2.74 20.34 -1.07
C TRP A 235 3.05 21.66 -1.76
N THR A 236 2.07 22.54 -1.90
CA THR A 236 2.26 23.78 -2.65
C THR A 236 1.71 24.97 -1.87
N PHE B 4 0.77 13.41 7.41
CA PHE B 4 1.13 12.55 6.28
C PHE B 4 0.19 12.75 5.10
N PRO B 5 0.72 12.60 3.88
CA PRO B 5 -0.12 12.73 2.69
C PRO B 5 -1.03 11.52 2.53
N ALA B 6 -2.07 11.72 1.73
CA ALA B 6 -3.03 10.68 1.51
C ALA B 6 -2.58 9.59 0.54
N VAL B 8 -4.09 5.40 -0.80
CA VAL B 8 -5.21 4.48 -0.79
C VAL B 8 -4.81 3.06 -1.06
#